data_5WYS
#
_entry.id   5WYS
#
_cell.length_a   118.141
_cell.length_b   118.141
_cell.length_c   96.194
_cell.angle_alpha   90.00
_cell.angle_beta   90.00
_cell.angle_gamma   90.00
#
_symmetry.space_group_name_H-M   'P 41 21 2'
#
loop_
_entity.id
_entity.type
_entity.pdbx_description
1 polymer 'Luciferin 4-monooxygenase'
2 non-polymer '5-[(3R)-3-(4-boranylphenyl)-3-oxidanyl-propyl]-2-oxidanyl-benzoic acid'
#
_entity_poly.entity_id   1
_entity_poly.type   'polypeptide(L)'
_entity_poly.pdbx_seq_one_letter_code
;MEDAKNIKKGPAPFYPLEDGTAGEQLHKAMKRYALVPGTIAFTDAHIEVNITYAEYFEMSVRLAEAMKRYGLNTNHRIVV
CSENSLQFFMPVLGALFIGVAVAPANDIYNERELLNSMNISQPTVVFVSKKGLQKILNVQKKLPIIQKIIIMDSKTDYQG
FQSMYTFVTSHLPPGFNEYDFVPESFDRDKTIALIMNSSGSTGLPKGVALPHRTACVRFSHARDPIFGNQIIPDTAILSV
VPFHHGFGMFTTLGYLICGFRVVLMYRFEEELFLRSLQDYKIQSALLVPTLFSFFAKSTLIDKYDLSNLHEIASGGAPLS
KEVGEAVAKRFHLPGIRQGYGLTETTSAILITPEGDDKPGAVGKVVPFFEAKVVDLDTGKTLGVNQRGELCVRGPMIMSG
YVNNPEATNALIDKDGWLHSGDIAYWDEDEHFFIVDRLKSLIKYKGYQVAPAELESILLQHPNIFDAGVAGLPDDDAGEL
PAAVVVLEHGKTMTEKEIVDYVASQVTTAKKLRGGVVFVDEVPKGLTGKLDARKIREILIKAKKGGKSKL
;
_entity_poly.pdbx_strand_id   A
#
# COMPACT_ATOMS: atom_id res chain seq x y z
N ASP A 3 16.51 26.72 14.24
CA ASP A 3 15.40 25.86 14.64
C ASP A 3 15.01 24.85 13.57
N ALA A 4 16.00 24.07 13.13
CA ALA A 4 15.74 22.69 12.77
C ALA A 4 15.13 22.07 14.03
N LYS A 5 13.89 22.47 14.37
CA LYS A 5 13.24 22.07 15.61
C LYS A 5 11.73 22.08 15.41
N ASN A 6 11.25 22.77 14.36
CA ASN A 6 9.95 22.50 13.78
C ASN A 6 10.01 21.36 12.75
N ILE A 7 11.08 20.57 12.78
CA ILE A 7 11.28 19.40 11.94
C ILE A 7 11.18 18.17 12.85
N LYS A 8 10.12 17.39 12.65
CA LYS A 8 9.68 16.39 13.61
C LYS A 8 10.40 15.05 13.39
N LYS A 9 10.77 14.40 14.49
CA LYS A 9 11.74 13.31 14.45
C LYS A 9 11.22 12.07 15.17
N GLY A 10 11.37 10.92 14.51
CA GLY A 10 10.97 9.65 15.08
C GLY A 10 11.92 9.20 16.17
N PRO A 11 11.40 8.49 17.16
CA PRO A 11 12.22 8.18 18.35
C PRO A 11 13.34 7.19 18.06
N ALA A 12 13.89 6.65 19.15
CA ALA A 12 14.87 5.59 18.99
C ALA A 12 14.15 4.27 18.74
N PRO A 13 14.72 3.41 17.90
CA PRO A 13 14.13 2.10 17.70
C PRO A 13 14.23 1.29 18.96
N PHE A 14 13.24 0.44 19.19
CA PHE A 14 13.41 -0.59 20.20
C PHE A 14 14.44 -1.62 19.72
N TYR A 15 14.24 -2.18 18.53
CA TYR A 15 15.27 -3.01 17.90
C TYR A 15 16.17 -2.14 17.04
N PRO A 16 17.48 -2.12 17.27
CA PRO A 16 18.38 -1.48 16.33
C PRO A 16 18.25 -2.13 14.96
N LEU A 17 18.52 -1.35 13.93
CA LEU A 17 18.68 -1.90 12.60
C LEU A 17 19.69 -3.06 12.64
N GLU A 18 19.39 -4.15 11.97
CA GLU A 18 20.24 -5.33 12.00
C GLU A 18 21.00 -5.47 10.69
N ASP A 19 22.23 -5.99 10.80
CA ASP A 19 23.06 -6.16 9.62
C ASP A 19 22.47 -7.21 8.69
N GLY A 20 22.93 -7.20 7.45
CA GLY A 20 22.49 -8.18 6.49
C GLY A 20 21.43 -7.63 5.55
N THR A 21 21.18 -8.39 4.50
CA THR A 21 20.16 -7.99 3.54
C THR A 21 18.78 -8.36 4.08
N ALA A 22 17.74 -7.88 3.40
CA ALA A 22 16.40 -8.30 3.76
C ALA A 22 16.27 -9.82 3.71
N GLY A 23 16.78 -10.45 2.64
CA GLY A 23 16.75 -11.90 2.55
C GLY A 23 17.57 -12.59 3.63
N GLU A 24 18.68 -11.98 4.06
CA GLU A 24 19.52 -12.64 5.06
C GLU A 24 18.85 -12.64 6.43
N GLN A 25 17.98 -11.68 6.74
CA GLN A 25 17.39 -11.64 8.07
C GLN A 25 16.08 -12.40 8.13
N LEU A 26 15.30 -12.38 7.03
CA LEU A 26 14.17 -13.28 6.88
C LEU A 26 14.62 -14.73 7.05
N HIS A 27 15.61 -15.14 6.25
CA HIS A 27 16.16 -16.49 6.32
C HIS A 27 16.62 -16.85 7.73
N LYS A 28 17.23 -15.89 8.43
CA LYS A 28 17.77 -16.20 9.75
C LYS A 28 16.64 -16.35 10.75
N ALA A 29 15.64 -15.49 10.66
CA ALA A 29 14.49 -15.57 11.53
C ALA A 29 13.66 -16.81 11.25
N MET A 30 13.37 -17.06 9.98
CA MET A 30 12.54 -18.19 9.63
C MET A 30 13.24 -19.50 9.95
N LYS A 31 14.57 -19.57 9.80
CA LYS A 31 15.27 -20.79 10.16
C LYS A 31 15.14 -21.10 11.64
N ARG A 32 15.03 -20.07 12.48
CA ARG A 32 14.82 -20.29 13.91
C ARG A 32 13.48 -20.98 14.14
N TYR A 33 12.44 -20.51 13.47
CA TYR A 33 11.11 -21.04 13.66
C TYR A 33 10.90 -22.33 12.88
N ALA A 34 11.64 -22.53 11.80
CA ALA A 34 11.52 -23.81 11.11
C ALA A 34 11.82 -24.95 12.08
N LEU A 35 12.80 -24.78 12.95
CA LEU A 35 13.28 -25.87 13.78
C LEU A 35 12.38 -26.15 14.99
N VAL A 36 11.36 -25.35 15.22
CA VAL A 36 10.32 -25.74 16.17
C VAL A 36 9.16 -26.33 15.38
N PRO A 37 8.98 -27.65 15.38
CA PRO A 37 7.87 -28.26 14.64
C PRO A 37 6.51 -27.72 15.07
N GLY A 38 5.68 -27.40 14.08
CA GLY A 38 4.31 -27.02 14.34
C GLY A 38 4.07 -25.53 14.38
N THR A 39 5.11 -24.72 14.43
CA THR A 39 4.95 -23.28 14.31
C THR A 39 4.29 -22.92 12.98
N ILE A 40 3.08 -22.32 13.06
CA ILE A 40 2.30 -21.96 11.87
C ILE A 40 2.74 -20.60 11.35
N ALA A 41 3.00 -20.53 10.03
CA ALA A 41 3.36 -19.30 9.33
C ALA A 41 2.17 -18.65 8.62
N PHE A 42 1.52 -19.38 7.71
CA PHE A 42 0.33 -18.90 7.05
C PHE A 42 -0.81 -19.87 7.27
N THR A 43 -2.03 -19.34 7.31
CA THR A 43 -3.27 -20.11 7.41
C THR A 43 -4.25 -19.54 6.39
N ASP A 44 -4.74 -20.41 5.51
CA ASP A 44 -5.75 -20.03 4.52
C ASP A 44 -7.12 -20.15 5.17
N ALA A 45 -7.76 -19.02 5.44
CA ALA A 45 -9.06 -19.04 6.11
C ALA A 45 -10.12 -19.72 5.27
N HIS A 46 -9.92 -19.81 3.95
CA HIS A 46 -10.92 -20.41 3.07
C HIS A 46 -10.84 -21.93 3.08
N ILE A 47 -9.66 -22.49 2.89
CA ILE A 47 -9.56 -23.93 2.86
C ILE A 47 -9.08 -24.51 4.17
N GLU A 48 -8.87 -23.66 5.18
CA GLU A 48 -8.50 -24.05 6.55
C GLU A 48 -7.15 -24.76 6.65
N VAL A 49 -6.25 -24.58 5.68
CA VAL A 49 -4.99 -25.31 5.68
C VAL A 49 -3.89 -24.44 6.31
N ASN A 50 -3.01 -25.09 7.06
CA ASN A 50 -1.90 -24.43 7.73
C ASN A 50 -0.59 -24.86 7.09
N ILE A 51 0.37 -23.93 7.07
CA ILE A 51 1.70 -24.26 6.58
C ILE A 51 2.71 -23.74 7.58
N THR A 52 3.63 -24.61 7.99
CA THR A 52 4.56 -24.28 9.06
C THR A 52 5.78 -23.55 8.50
N TYR A 53 6.52 -22.90 9.39
CA TYR A 53 7.78 -22.29 8.97
C TYR A 53 8.72 -23.34 8.43
N ALA A 54 8.80 -24.52 9.06
CA ALA A 54 9.59 -25.60 8.48
C ALA A 54 9.18 -25.84 7.05
N GLU A 55 7.87 -25.94 6.80
CA GLU A 55 7.42 -26.01 5.41
C GLU A 55 7.79 -24.74 4.67
N TYR A 56 7.50 -23.58 5.27
CA TYR A 56 7.71 -22.35 4.53
C TYR A 56 9.18 -22.08 4.30
N PHE A 57 10.01 -22.26 5.33
CA PHE A 57 11.45 -22.09 5.19
C PHE A 57 12.02 -23.01 4.13
N GLU A 58 11.73 -24.30 4.24
CA GLU A 58 12.35 -25.28 3.36
C GLU A 58 12.07 -24.98 1.89
N MET A 59 10.80 -24.85 1.53
CA MET A 59 10.43 -24.64 0.12
C MET A 59 10.96 -23.30 -0.41
N SER A 60 10.96 -22.25 0.43
CA SER A 60 11.52 -20.98 -0.02
C SER A 60 12.96 -21.14 -0.41
N VAL A 61 13.76 -21.73 0.51
CA VAL A 61 15.18 -22.01 0.29
C VAL A 61 15.40 -22.77 -1.02
N ARG A 62 14.64 -23.84 -1.22
CA ARG A 62 14.78 -24.61 -2.46
C ARG A 62 14.51 -23.75 -3.68
N LEU A 63 13.45 -22.91 -3.65
CA LEU A 63 13.21 -21.99 -4.76
C LEU A 63 14.35 -21.00 -4.93
N ALA A 64 15.04 -20.67 -3.84
CA ALA A 64 16.18 -19.77 -3.98
C ALA A 64 17.34 -20.47 -4.70
N GLU A 65 17.70 -21.68 -4.27
CA GLU A 65 18.80 -22.41 -4.90
C GLU A 65 18.40 -22.95 -6.26
N ALA A 66 17.12 -23.23 -6.47
CA ALA A 66 16.72 -23.65 -7.80
C ALA A 66 16.78 -22.48 -8.78
N MET A 67 16.45 -21.26 -8.31
CA MET A 67 16.57 -20.08 -9.17
C MET A 67 18.03 -19.73 -9.40
N LYS A 68 18.85 -19.74 -8.34
CA LYS A 68 20.28 -19.49 -8.50
C LYS A 68 20.85 -20.33 -9.63
N ARG A 69 20.54 -21.64 -9.60
CA ARG A 69 21.06 -22.56 -10.60
C ARG A 69 20.56 -22.23 -12.00
N TYR A 70 19.25 -21.96 -12.14
CA TYR A 70 18.68 -21.59 -13.44
C TYR A 70 19.46 -20.44 -14.07
N GLY A 71 19.97 -19.52 -13.26
CA GLY A 71 20.87 -18.49 -13.73
C GLY A 71 20.62 -17.09 -13.20
N LEU A 72 19.68 -16.94 -12.27
CA LEU A 72 19.24 -15.61 -11.87
C LEU A 72 20.12 -15.06 -10.76
N ASN A 73 20.65 -13.85 -10.98
CA ASN A 73 21.46 -13.12 -10.04
C ASN A 73 20.77 -11.78 -9.81
N THR A 74 21.44 -10.80 -9.24
CA THR A 74 20.72 -9.57 -8.94
C THR A 74 20.41 -8.74 -10.18
N ASN A 75 20.84 -9.16 -11.37
CA ASN A 75 20.52 -8.41 -12.60
C ASN A 75 19.23 -8.87 -13.27
N HIS A 76 18.45 -9.70 -12.58
CA HIS A 76 17.19 -10.21 -13.09
C HIS A 76 16.07 -9.87 -12.13
N ARG A 77 14.85 -9.88 -12.64
CA ARG A 77 13.67 -9.71 -11.80
C ARG A 77 12.69 -10.84 -12.09
N ILE A 78 11.86 -11.15 -11.10
CA ILE A 78 10.76 -12.08 -11.28
C ILE A 78 9.45 -11.33 -11.03
N VAL A 79 8.38 -11.88 -11.57
CA VAL A 79 7.02 -11.45 -11.24
C VAL A 79 6.32 -12.55 -10.47
N VAL A 80 5.67 -12.19 -9.36
CA VAL A 80 4.72 -13.04 -8.67
C VAL A 80 3.32 -12.51 -8.98
N CYS A 81 2.55 -13.27 -9.75
CA CYS A 81 1.20 -12.87 -10.13
C CYS A 81 0.21 -13.88 -9.57
N SER A 82 -0.52 -13.49 -8.52
CA SER A 82 -1.49 -14.33 -7.84
C SER A 82 -2.16 -13.49 -6.77
N GLU A 83 -3.36 -13.89 -6.38
CA GLU A 83 -4.00 -13.26 -5.23
C GLU A 83 -3.57 -13.98 -3.98
N ASN A 84 -3.67 -13.29 -2.84
CA ASN A 84 -3.27 -13.81 -1.54
C ASN A 84 -3.47 -15.32 -1.46
N SER A 85 -2.44 -16.03 -1.01
CA SER A 85 -2.44 -17.49 -1.07
C SER A 85 -1.33 -18.02 -0.19
N LEU A 86 -1.38 -19.34 0.08
CA LEU A 86 -0.35 -19.99 0.87
C LEU A 86 0.99 -19.99 0.14
N GLN A 87 0.95 -19.92 -1.18
CA GLN A 87 2.15 -20.00 -2.01
C GLN A 87 2.75 -18.64 -2.33
N PHE A 88 2.09 -17.54 -1.94
CA PHE A 88 2.49 -16.24 -2.44
C PHE A 88 3.94 -15.94 -2.10
N PHE A 89 4.29 -15.96 -0.81
CA PHE A 89 5.61 -15.54 -0.37
C PHE A 89 6.68 -16.60 -0.55
N MET A 90 6.35 -17.74 -1.17
CA MET A 90 7.39 -18.73 -1.49
C MET A 90 8.34 -18.17 -2.53
N PRO A 91 7.91 -17.80 -3.75
CA PRO A 91 8.87 -17.17 -4.67
C PRO A 91 9.43 -15.85 -4.17
N VAL A 92 8.67 -15.07 -3.39
CA VAL A 92 9.19 -13.81 -2.87
C VAL A 92 10.35 -14.10 -1.93
N LEU A 93 10.12 -14.92 -0.92
CA LEU A 93 11.19 -15.25 0.00
C LEU A 93 12.38 -15.88 -0.72
N GLY A 94 12.10 -16.84 -1.61
CA GLY A 94 13.17 -17.46 -2.35
C GLY A 94 14.00 -16.45 -3.12
N ALA A 95 13.34 -15.47 -3.75
CA ALA A 95 14.05 -14.53 -4.59
C ALA A 95 14.91 -13.58 -3.75
N LEU A 96 14.39 -13.12 -2.60
CA LEU A 96 15.18 -12.20 -1.79
C LEU A 96 16.44 -12.86 -1.27
N PHE A 97 16.34 -14.14 -0.92
CA PHE A 97 17.51 -14.94 -0.55
C PHE A 97 18.58 -14.89 -1.63
N ILE A 98 18.17 -14.78 -2.90
CA ILE A 98 19.08 -14.78 -4.03
C ILE A 98 19.57 -13.37 -4.34
N GLY A 99 18.75 -12.35 -4.04
CA GLY A 99 18.98 -11.00 -4.50
C GLY A 99 18.25 -10.62 -5.76
N VAL A 100 17.48 -11.54 -6.35
CA VAL A 100 16.57 -11.20 -7.44
C VAL A 100 15.51 -10.22 -6.93
N ALA A 101 15.13 -9.27 -7.78
CA ALA A 101 14.16 -8.24 -7.43
C ALA A 101 12.76 -8.73 -7.74
N VAL A 102 11.83 -8.49 -6.81
CA VAL A 102 10.50 -9.06 -6.90
C VAL A 102 9.52 -7.93 -7.22
N ALA A 103 8.80 -8.09 -8.32
CA ALA A 103 7.69 -7.21 -8.68
C ALA A 103 6.37 -7.97 -8.49
N PRO A 104 5.62 -7.72 -7.41
CA PRO A 104 4.36 -8.43 -7.21
C PRO A 104 3.32 -7.87 -8.15
N ALA A 105 2.68 -8.73 -8.90
CA ALA A 105 1.68 -8.24 -9.83
C ALA A 105 0.31 -8.66 -9.34
N ASN A 106 -0.66 -7.99 -9.93
CA ASN A 106 -1.98 -7.80 -9.39
C ASN A 106 -2.90 -8.81 -10.08
N ASP A 107 -2.88 -10.05 -9.55
CA ASP A 107 -3.89 -11.11 -9.71
C ASP A 107 -5.04 -10.90 -10.70
N ILE A 108 -5.68 -9.74 -10.62
CA ILE A 108 -6.83 -9.38 -11.43
C ILE A 108 -6.65 -7.91 -11.84
N TYR A 109 -5.39 -7.47 -11.97
CA TYR A 109 -5.07 -6.55 -13.04
C TYR A 109 -5.60 -7.19 -14.31
N ASN A 110 -6.40 -6.43 -15.03
CA ASN A 110 -6.84 -6.81 -16.34
C ASN A 110 -5.60 -7.00 -17.22
N GLU A 111 -5.80 -7.35 -18.50
CA GLU A 111 -4.64 -7.72 -19.32
C GLU A 111 -3.80 -6.52 -19.72
N ARG A 112 -4.43 -5.35 -19.86
CA ARG A 112 -3.67 -4.13 -20.14
C ARG A 112 -2.76 -3.73 -18.97
N GLU A 113 -3.29 -3.68 -17.75
CA GLU A 113 -2.48 -3.27 -16.61
C GLU A 113 -1.44 -4.34 -16.25
N LEU A 114 -1.66 -5.60 -16.66
CA LEU A 114 -0.61 -6.61 -16.50
C LEU A 114 0.56 -6.35 -17.42
N LEU A 115 0.31 -5.75 -18.58
CA LEU A 115 1.38 -5.36 -19.50
C LEU A 115 2.18 -4.19 -18.94
N ASN A 116 1.50 -3.09 -18.59
CA ASN A 116 2.20 -1.92 -18.07
C ASN A 116 3.04 -2.28 -16.85
N SER A 117 2.54 -3.15 -15.98
CA SER A 117 3.33 -3.53 -14.81
C SER A 117 4.62 -4.22 -15.24
N MET A 118 4.49 -5.18 -16.17
CA MET A 118 5.57 -6.08 -16.51
C MET A 118 6.53 -5.54 -17.55
N ASN A 119 6.12 -4.54 -18.34
CA ASN A 119 7.08 -3.85 -19.19
C ASN A 119 8.08 -3.08 -18.34
N ILE A 120 7.63 -2.51 -17.24
CA ILE A 120 8.56 -1.82 -16.35
C ILE A 120 9.46 -2.82 -15.66
N SER A 121 8.90 -3.94 -15.22
CA SER A 121 9.69 -4.85 -14.41
C SER A 121 10.52 -5.82 -15.23
N GLN A 122 10.27 -5.97 -16.53
CA GLN A 122 11.11 -6.73 -17.45
C GLN A 122 11.58 -8.05 -16.82
N PRO A 123 10.68 -8.95 -16.47
CA PRO A 123 11.04 -10.10 -15.65
C PRO A 123 11.44 -11.34 -16.45
N THR A 124 12.48 -12.02 -15.98
CA THR A 124 12.89 -13.25 -16.63
C THR A 124 11.87 -14.36 -16.37
N VAL A 125 11.60 -14.66 -15.10
CA VAL A 125 10.69 -15.74 -14.71
C VAL A 125 9.46 -15.14 -14.09
N VAL A 126 8.30 -15.76 -14.36
CA VAL A 126 7.01 -15.31 -13.82
C VAL A 126 6.35 -16.46 -13.07
N PHE A 127 6.08 -16.25 -11.78
CA PHE A 127 5.21 -17.12 -11.01
C PHE A 127 3.76 -16.65 -11.10
N VAL A 128 2.85 -17.60 -11.30
CA VAL A 128 1.47 -17.25 -11.61
C VAL A 128 0.55 -18.35 -11.07
N SER A 129 -0.66 -17.94 -10.67
CA SER A 129 -1.68 -18.88 -10.27
C SER A 129 -2.43 -19.40 -11.48
N LYS A 130 -2.87 -20.67 -11.40
CA LYS A 130 -3.67 -21.32 -12.44
C LYS A 130 -4.62 -20.34 -13.12
N LYS A 131 -5.28 -19.50 -12.32
CA LYS A 131 -6.24 -18.57 -12.89
C LYS A 131 -5.58 -17.37 -13.53
N GLY A 132 -4.29 -17.13 -13.25
CA GLY A 132 -3.59 -16.05 -13.93
C GLY A 132 -2.90 -16.46 -15.20
N LEU A 133 -2.88 -17.75 -15.51
CA LEU A 133 -1.95 -18.29 -16.49
C LEU A 133 -2.19 -17.67 -17.87
N GLN A 134 -3.39 -17.84 -18.44
CA GLN A 134 -3.59 -17.39 -19.81
C GLN A 134 -3.29 -15.91 -19.97
N LYS A 135 -3.62 -15.10 -18.95
CA LYS A 135 -3.33 -13.67 -19.06
C LYS A 135 -1.84 -13.42 -19.19
N ILE A 136 -1.01 -14.24 -18.56
CA ILE A 136 0.42 -14.01 -18.69
C ILE A 136 0.96 -14.68 -19.95
N LEU A 137 0.37 -15.79 -20.39
CA LEU A 137 0.67 -16.32 -21.71
C LEU A 137 0.44 -15.26 -22.78
N ASN A 138 -0.77 -14.69 -22.80
CA ASN A 138 -1.08 -13.61 -23.73
C ASN A 138 -0.04 -12.50 -23.64
N VAL A 139 0.32 -12.11 -22.42
CA VAL A 139 1.27 -11.03 -22.23
C VAL A 139 2.72 -11.44 -22.51
N GLN A 140 3.02 -12.74 -22.50
CA GLN A 140 4.36 -13.18 -22.90
C GLN A 140 4.56 -13.00 -24.40
N LYS A 141 3.53 -13.28 -25.19
CA LYS A 141 3.63 -13.09 -26.64
C LYS A 141 3.71 -11.64 -27.05
N LYS A 142 3.80 -10.75 -26.06
CA LYS A 142 4.08 -9.35 -26.30
C LYS A 142 5.29 -8.87 -25.49
N LEU A 143 5.95 -9.76 -24.76
CA LEU A 143 7.16 -9.38 -24.02
C LEU A 143 8.26 -10.44 -24.17
N PRO A 144 9.31 -10.21 -24.99
CA PRO A 144 10.25 -11.28 -25.28
C PRO A 144 11.07 -11.70 -24.09
N ILE A 145 11.19 -10.88 -23.06
CA ILE A 145 12.11 -11.16 -21.96
C ILE A 145 11.62 -12.29 -21.06
N ILE A 146 10.33 -12.61 -21.10
CA ILE A 146 9.71 -13.59 -20.20
C ILE A 146 10.05 -14.99 -20.72
N GLN A 147 11.12 -15.56 -20.17
CA GLN A 147 11.59 -16.86 -20.62
C GLN A 147 10.70 -17.99 -20.09
N LYS A 148 10.49 -18.02 -18.77
CA LYS A 148 9.95 -19.20 -18.09
C LYS A 148 8.73 -18.83 -17.27
N ILE A 149 7.75 -19.72 -17.25
CA ILE A 149 6.51 -19.53 -16.48
C ILE A 149 6.36 -20.69 -15.51
N ILE A 150 6.15 -20.37 -14.23
CA ILE A 150 6.04 -21.38 -13.18
C ILE A 150 4.69 -21.20 -12.50
N ILE A 151 3.98 -22.30 -12.31
CA ILE A 151 2.66 -22.31 -11.69
C ILE A 151 2.80 -22.46 -10.19
N MET A 152 2.15 -21.59 -9.42
CA MET A 152 2.36 -21.54 -7.99
C MET A 152 1.46 -22.50 -7.21
N ASP A 153 0.19 -22.60 -7.58
CA ASP A 153 -0.79 -23.40 -6.85
C ASP A 153 -1.02 -24.75 -7.52
N SER A 154 0.05 -25.49 -7.78
CA SER A 154 -0.03 -26.88 -8.20
C SER A 154 1.13 -27.63 -7.57
N LYS A 155 1.01 -28.95 -7.53
CA LYS A 155 2.19 -29.78 -7.23
C LYS A 155 2.74 -30.46 -8.47
N THR A 156 1.87 -30.98 -9.34
CA THR A 156 2.29 -31.49 -10.63
C THR A 156 2.50 -30.32 -11.60
N ASP A 157 2.86 -30.64 -12.84
CA ASP A 157 2.80 -29.63 -13.88
C ASP A 157 1.34 -29.36 -14.24
N TYR A 158 1.12 -28.23 -14.91
CA TYR A 158 -0.23 -27.71 -15.15
C TYR A 158 -0.23 -27.01 -16.50
N GLN A 159 -0.93 -27.59 -17.48
CA GLN A 159 -0.88 -27.13 -18.87
C GLN A 159 0.54 -27.21 -19.42
N GLY A 160 1.24 -28.30 -19.10
CA GLY A 160 2.63 -28.53 -19.47
C GLY A 160 3.66 -27.58 -18.90
N PHE A 161 3.32 -26.80 -17.86
CA PHE A 161 4.07 -25.58 -17.63
C PHE A 161 5.12 -25.65 -16.53
N GLN A 162 4.95 -26.54 -15.54
CA GLN A 162 5.87 -26.73 -14.41
C GLN A 162 5.39 -25.94 -13.20
N SER A 163 5.44 -26.59 -12.05
CA SER A 163 5.15 -25.99 -10.77
C SER A 163 6.46 -25.70 -10.05
N MET A 164 6.38 -24.80 -9.08
CA MET A 164 7.49 -24.53 -8.18
C MET A 164 8.13 -25.83 -7.71
N TYR A 165 7.32 -26.88 -7.53
CA TYR A 165 7.78 -28.13 -6.93
C TYR A 165 8.58 -28.98 -7.89
N THR A 166 8.03 -29.24 -9.08
CA THR A 166 8.82 -29.89 -10.12
C THR A 166 9.91 -28.99 -10.67
N PHE A 167 9.71 -27.67 -10.67
CA PHE A 167 10.78 -26.77 -11.07
C PHE A 167 11.97 -26.89 -10.13
N VAL A 168 11.70 -26.98 -8.84
CA VAL A 168 12.80 -27.06 -7.87
C VAL A 168 13.54 -28.38 -8.00
N THR A 169 12.81 -29.51 -8.10
CA THR A 169 13.54 -30.77 -8.26
C THR A 169 14.18 -30.88 -9.63
N SER A 170 13.88 -29.95 -10.55
CA SER A 170 14.51 -29.98 -11.86
C SER A 170 15.82 -29.19 -11.92
N HIS A 171 16.30 -28.62 -10.81
CA HIS A 171 17.46 -27.73 -10.88
C HIS A 171 18.32 -27.80 -9.62
N LEU A 172 17.74 -28.27 -8.52
CA LEU A 172 18.50 -28.43 -7.30
C LEU A 172 19.54 -29.52 -7.52
N PRO A 173 20.78 -29.33 -7.04
CA PRO A 173 21.83 -30.31 -7.29
C PRO A 173 21.59 -31.56 -6.47
N PRO A 174 22.30 -32.66 -6.78
CA PRO A 174 21.94 -33.95 -6.19
C PRO A 174 21.77 -33.97 -4.68
N GLY A 175 22.70 -33.35 -3.94
CA GLY A 175 22.68 -33.50 -2.50
C GLY A 175 22.22 -32.31 -1.70
N PHE A 176 21.35 -31.49 -2.28
CA PHE A 176 20.99 -30.19 -1.69
C PHE A 176 20.41 -30.35 -0.28
N ASN A 177 20.70 -29.36 0.56
CA ASN A 177 20.40 -29.40 1.99
C ASN A 177 19.84 -28.05 2.41
N GLU A 178 18.53 -28.00 2.64
CA GLU A 178 17.85 -26.76 3.04
C GLU A 178 18.49 -26.09 4.24
N TYR A 179 19.09 -26.87 5.15
CA TYR A 179 19.58 -26.32 6.40
C TYR A 179 21.06 -25.98 6.36
N ASP A 180 21.73 -26.18 5.21
CA ASP A 180 23.07 -25.69 4.96
C ASP A 180 23.11 -24.57 3.93
N PHE A 181 21.97 -24.27 3.28
CA PHE A 181 21.89 -23.13 2.39
C PHE A 181 22.29 -21.86 3.12
N VAL A 182 23.02 -20.99 2.41
CA VAL A 182 23.33 -19.67 2.92
C VAL A 182 22.92 -18.66 1.85
N PRO A 183 22.20 -17.59 2.21
CA PRO A 183 21.79 -16.62 1.18
C PRO A 183 22.89 -15.64 0.83
N GLU A 184 22.81 -15.15 -0.41
CA GLU A 184 23.80 -14.21 -0.92
C GLU A 184 23.93 -12.98 -0.03
N SER A 185 25.17 -12.52 0.12
CA SER A 185 25.45 -11.18 0.60
C SER A 185 25.56 -10.26 -0.60
N PHE A 186 24.93 -9.08 -0.50
CA PHE A 186 25.00 -8.07 -1.54
C PHE A 186 24.69 -6.75 -0.88
N ASP A 187 24.98 -5.66 -1.58
CA ASP A 187 24.73 -4.34 -1.00
C ASP A 187 23.22 -4.12 -0.92
N ARG A 188 22.72 -3.95 0.31
CA ARG A 188 21.29 -3.79 0.51
C ARG A 188 20.79 -2.42 0.08
N ASP A 189 21.69 -1.47 -0.16
CA ASP A 189 21.28 -0.15 -0.63
C ASP A 189 21.06 -0.14 -2.14
N LYS A 190 21.91 -0.82 -2.89
CA LYS A 190 21.77 -0.80 -4.34
C LYS A 190 20.88 -1.91 -4.88
N THR A 191 20.80 -3.05 -4.18
CA THR A 191 20.08 -4.23 -4.65
C THR A 191 18.59 -4.06 -4.39
N ILE A 192 17.81 -4.08 -5.44
CA ILE A 192 16.39 -3.87 -5.31
C ILE A 192 15.72 -5.15 -4.81
N ALA A 193 14.97 -5.02 -3.71
CA ALA A 193 14.16 -6.13 -3.20
C ALA A 193 12.80 -6.21 -3.91
N LEU A 194 12.10 -5.09 -3.98
CA LEU A 194 10.73 -5.05 -4.47
C LEU A 194 10.55 -3.99 -5.53
N ILE A 195 9.77 -4.32 -6.55
CA ILE A 195 9.28 -3.37 -7.54
C ILE A 195 7.77 -3.33 -7.39
N MET A 196 7.27 -2.26 -6.79
CA MET A 196 5.85 -2.07 -6.50
C MET A 196 5.17 -1.25 -7.60
N ASN A 197 3.84 -1.10 -7.51
CA ASN A 197 3.08 -0.35 -8.50
C ASN A 197 2.34 0.82 -7.86
N SER A 198 1.67 1.62 -8.70
CA SER A 198 0.92 2.80 -8.24
C SER A 198 -0.12 3.29 -9.28
N SER A 201 -1.84 6.93 -8.76
CA SER A 201 -2.03 8.37 -8.95
C SER A 201 -2.51 8.73 -10.36
N THR A 202 -1.85 9.71 -10.98
CA THR A 202 -2.18 10.20 -12.30
C THR A 202 -1.32 9.52 -13.37
N GLY A 203 -1.94 9.21 -14.50
CA GLY A 203 -1.22 8.58 -15.60
C GLY A 203 -1.31 7.06 -15.51
N LEU A 204 -0.18 6.40 -15.72
CA LEU A 204 -0.16 4.95 -15.58
C LEU A 204 0.74 4.57 -14.41
N PRO A 205 0.47 3.43 -13.75
CA PRO A 205 1.31 3.01 -12.61
C PRO A 205 2.78 2.94 -13.00
N LYS A 206 3.61 3.55 -12.16
CA LYS A 206 5.05 3.52 -12.28
C LYS A 206 5.60 2.31 -11.53
N GLY A 207 6.90 2.05 -11.70
CA GLY A 207 7.54 0.98 -10.95
C GLY A 207 8.39 1.53 -9.81
N VAL A 208 7.90 1.47 -8.58
CA VAL A 208 8.62 2.04 -7.44
C VAL A 208 9.70 1.07 -7.00
N ALA A 209 10.96 1.42 -7.25
CA ALA A 209 12.07 0.55 -6.86
C ALA A 209 12.38 0.77 -5.39
N LEU A 210 12.50 -0.33 -4.66
CA LEU A 210 12.76 -0.31 -3.22
C LEU A 210 13.87 -1.30 -2.92
N PRO A 211 14.99 -0.86 -2.36
CA PRO A 211 16.11 -1.77 -2.11
C PRO A 211 16.01 -2.45 -0.74
N HIS A 212 16.89 -3.44 -0.54
CA HIS A 212 16.78 -4.30 0.63
C HIS A 212 16.81 -3.52 1.95
N ARG A 213 17.42 -2.34 1.96
CA ARG A 213 17.49 -1.54 3.17
C ARG A 213 16.11 -1.19 3.70
N THR A 214 15.15 -0.89 2.80
CA THR A 214 13.83 -0.46 3.26
C THR A 214 13.11 -1.59 4.00
N ALA A 215 13.25 -2.83 3.52
CA ALA A 215 12.67 -3.93 4.27
C ALA A 215 13.40 -4.13 5.59
N CYS A 216 14.72 -3.90 5.60
CA CYS A 216 15.49 -4.07 6.83
C CYS A 216 15.04 -3.10 7.91
N VAL A 217 14.75 -1.86 7.52
CA VAL A 217 14.16 -0.89 8.45
C VAL A 217 12.78 -1.36 8.89
N ARG A 218 11.92 -1.69 7.92
CA ARG A 218 10.60 -2.26 8.21
C ARG A 218 10.67 -3.36 9.26
N PHE A 219 11.72 -4.18 9.19
CA PHE A 219 11.88 -5.26 10.16
C PHE A 219 12.16 -4.71 11.55
N SER A 220 12.66 -3.48 11.63
CA SER A 220 12.85 -2.87 12.95
C SER A 220 11.54 -2.30 13.46
N HIS A 221 10.67 -1.86 12.55
CA HIS A 221 9.38 -1.33 12.96
C HIS A 221 8.48 -2.44 13.47
N ALA A 222 8.43 -3.54 12.72
CA ALA A 222 7.47 -4.61 13.00
C ALA A 222 7.57 -5.11 14.44
N ARG A 223 8.78 -5.12 15.00
CA ARG A 223 8.97 -5.61 16.37
C ARG A 223 8.72 -4.54 17.42
N ASP A 224 8.81 -3.27 17.04
CA ASP A 224 8.70 -2.13 17.94
C ASP A 224 7.42 -2.15 18.76
N PRO A 225 7.50 -2.38 20.08
CA PRO A 225 6.29 -2.34 20.92
C PRO A 225 5.48 -1.07 20.76
N ILE A 226 6.11 0.02 20.31
CA ILE A 226 5.37 1.25 20.12
C ILE A 226 4.85 1.39 18.69
N PHE A 227 5.67 1.10 17.68
CA PHE A 227 5.27 1.36 16.30
C PHE A 227 4.95 0.11 15.51
N GLY A 228 5.16 -1.06 16.09
CA GLY A 228 4.78 -2.33 15.49
C GLY A 228 3.91 -3.09 16.47
N ASN A 229 4.21 -4.37 16.72
CA ASN A 229 3.54 -5.12 17.78
C ASN A 229 4.53 -6.06 18.44
N GLN A 230 4.31 -6.32 19.73
CA GLN A 230 5.25 -7.07 20.57
C GLN A 230 5.31 -8.55 20.20
N ILE A 231 6.53 -9.10 20.09
CA ILE A 231 6.76 -10.53 19.86
C ILE A 231 6.29 -11.35 21.07
N ILE A 232 5.01 -11.72 21.07
CA ILE A 232 4.44 -12.61 22.08
C ILE A 232 4.21 -13.94 21.38
N PRO A 233 4.52 -15.06 22.01
CA PRO A 233 4.15 -16.35 21.44
C PRO A 233 2.66 -16.40 21.18
N ASP A 234 2.29 -17.12 20.12
CA ASP A 234 0.92 -17.42 19.71
C ASP A 234 0.16 -16.19 19.17
N THR A 235 0.86 -15.10 18.85
CA THR A 235 0.27 -14.00 18.11
C THR A 235 -0.23 -14.47 16.75
N ALA A 236 -1.44 -14.08 16.37
CA ALA A 236 -1.96 -14.32 15.03
C ALA A 236 -2.56 -13.03 14.47
N ILE A 237 -2.55 -12.91 13.15
CA ILE A 237 -3.07 -11.75 12.45
C ILE A 237 -4.03 -12.23 11.38
N LEU A 238 -5.13 -11.51 11.21
CA LEU A 238 -6.03 -11.75 10.09
C LEU A 238 -5.77 -10.61 9.13
N SER A 239 -5.25 -10.95 7.94
CA SER A 239 -4.89 -9.99 6.91
C SER A 239 -5.80 -10.15 5.69
N VAL A 240 -6.55 -9.09 5.37
CA VAL A 240 -7.34 -9.09 4.14
C VAL A 240 -6.64 -8.35 3.01
N VAL A 241 -6.07 -7.20 3.34
CA VAL A 241 -5.28 -6.34 2.44
C VAL A 241 -4.40 -7.10 1.44
N PRO A 242 -4.35 -6.69 0.17
CA PRO A 242 -3.63 -7.45 -0.86
C PRO A 242 -2.15 -7.60 -0.57
N PHE A 243 -1.57 -8.73 -0.98
CA PHE A 243 -0.16 -8.99 -0.69
C PHE A 243 0.78 -8.15 -1.53
N HIS A 244 0.26 -7.43 -2.53
CA HIS A 244 1.04 -6.44 -3.28
C HIS A 244 0.86 -5.05 -2.69
N HIS A 245 -0.06 -4.27 -3.26
CA HIS A 245 -0.20 -2.84 -3.02
C HIS A 245 0.15 -2.38 -1.61
N GLY A 246 1.41 -2.69 -1.20
CA GLY A 246 2.10 -2.03 -0.10
C GLY A 246 1.91 -2.78 1.22
N PHE A 247 1.33 -2.09 2.21
CA PHE A 247 0.66 -2.64 3.40
C PHE A 247 0.70 -4.15 3.49
N GLY A 248 -0.06 -4.83 2.64
CA GLY A 248 -0.06 -6.29 2.65
C GLY A 248 1.34 -6.89 2.50
N MET A 249 2.14 -6.34 1.59
CA MET A 249 3.50 -6.86 1.41
C MET A 249 4.34 -6.76 2.67
N PHE A 250 4.49 -5.56 3.23
CA PHE A 250 5.54 -5.36 4.23
C PHE A 250 5.09 -5.63 5.66
N THR A 251 3.80 -5.79 5.92
CA THR A 251 3.41 -6.35 7.20
C THR A 251 3.70 -7.84 7.23
N THR A 252 3.39 -8.54 6.14
CA THR A 252 3.59 -9.99 6.11
C THR A 252 5.06 -10.34 6.26
N LEU A 253 5.96 -9.62 5.57
CA LEU A 253 7.39 -9.88 5.75
C LEU A 253 7.80 -9.68 7.20
N GLY A 254 7.41 -8.55 7.78
CA GLY A 254 7.71 -8.31 9.17
C GLY A 254 7.07 -9.33 10.09
N TYR A 255 5.92 -9.90 9.67
CA TYR A 255 5.26 -10.92 10.48
C TYR A 255 6.00 -12.25 10.47
N LEU A 256 6.64 -12.59 9.33
CA LEU A 256 7.50 -13.77 9.26
C LEU A 256 8.77 -13.60 10.09
N ILE A 257 9.26 -12.36 10.23
CA ILE A 257 10.41 -12.09 11.10
C ILE A 257 10.05 -12.39 12.54
N CYS A 258 8.81 -12.09 12.92
CA CYS A 258 8.35 -12.21 14.29
C CYS A 258 7.87 -13.61 14.65
N GLY A 259 7.68 -14.48 13.68
CA GLY A 259 7.18 -15.82 13.97
C GLY A 259 5.68 -15.92 14.11
N PHE A 260 4.95 -14.84 13.83
CA PHE A 260 3.50 -14.83 13.95
C PHE A 260 2.86 -15.79 12.95
N ARG A 261 1.64 -16.21 13.28
CA ARG A 261 0.75 -16.92 12.37
C ARG A 261 -0.03 -15.90 11.57
N VAL A 262 0.20 -15.83 10.26
CA VAL A 262 -0.53 -14.92 9.38
C VAL A 262 -1.72 -15.67 8.80
N VAL A 263 -2.94 -15.28 9.19
CA VAL A 263 -4.16 -15.87 8.64
C VAL A 263 -4.64 -15.00 7.50
N LEU A 264 -4.61 -15.52 6.28
CA LEU A 264 -4.99 -14.74 5.12
C LEU A 264 -6.41 -15.06 4.66
N MET A 265 -7.04 -14.07 4.05
CA MET A 265 -8.37 -14.22 3.49
C MET A 265 -8.30 -13.54 2.13
N TYR A 266 -8.58 -14.27 1.05
CA TYR A 266 -8.46 -13.65 -0.25
C TYR A 266 -9.77 -13.07 -0.76
N ARG A 267 -10.91 -13.63 -0.34
CA ARG A 267 -12.22 -13.12 -0.68
C ARG A 267 -12.93 -12.69 0.59
N PHE A 268 -13.45 -11.46 0.62
CA PHE A 268 -14.04 -10.94 1.85
C PHE A 268 -15.47 -11.41 2.06
N GLU A 269 -15.79 -11.80 3.30
CA GLU A 269 -17.12 -12.27 3.67
C GLU A 269 -17.36 -12.01 5.15
N GLU A 270 -18.48 -11.36 5.49
CA GLU A 270 -18.69 -10.87 6.85
C GLU A 270 -18.58 -12.00 7.87
N GLU A 271 -19.41 -13.02 7.74
CA GLU A 271 -19.41 -14.08 8.73
C GLU A 271 -18.08 -14.82 8.75
N LEU A 272 -17.58 -15.23 7.57
CA LEU A 272 -16.24 -15.82 7.51
C LEU A 272 -15.24 -14.94 8.26
N PHE A 273 -15.18 -13.65 7.91
CA PHE A 273 -14.29 -12.72 8.60
C PHE A 273 -14.43 -12.84 10.10
N LEU A 274 -15.63 -12.58 10.62
CA LEU A 274 -15.78 -12.44 12.07
C LEU A 274 -15.48 -13.76 12.76
N ARG A 275 -15.85 -14.87 12.13
CA ARG A 275 -15.62 -16.18 12.73
C ARG A 275 -14.14 -16.51 12.79
N SER A 276 -13.36 -16.08 11.79
CA SER A 276 -11.92 -16.30 11.82
C SER A 276 -11.27 -15.45 12.88
N LEU A 277 -11.68 -14.18 12.97
CA LEU A 277 -11.31 -13.32 14.10
C LEU A 277 -11.47 -14.06 15.43
N GLN A 278 -12.62 -14.72 15.59
CA GLN A 278 -12.92 -15.41 16.83
C GLN A 278 -12.11 -16.69 16.97
N ASP A 279 -12.26 -17.59 15.99
CA ASP A 279 -11.72 -18.95 16.14
C ASP A 279 -10.19 -18.95 16.13
N TYR A 280 -9.59 -18.17 15.25
CA TYR A 280 -8.13 -18.12 15.21
C TYR A 280 -7.53 -17.32 16.38
N LYS A 281 -8.35 -16.75 17.25
CA LYS A 281 -7.88 -15.95 18.38
C LYS A 281 -7.00 -14.79 17.91
N ILE A 282 -7.42 -14.16 16.81
CA ILE A 282 -6.66 -13.09 16.17
C ILE A 282 -6.36 -11.95 17.14
N GLN A 283 -5.09 -11.56 17.19
CA GLN A 283 -4.68 -10.41 17.99
C GLN A 283 -4.93 -9.09 17.24
N SER A 284 -4.68 -9.07 15.94
CA SER A 284 -4.84 -7.84 15.17
C SER A 284 -5.32 -8.15 13.76
N ALA A 285 -6.20 -7.30 13.23
CA ALA A 285 -6.75 -7.46 11.88
C ALA A 285 -6.28 -6.34 10.94
N LEU A 286 -6.03 -6.69 9.68
CA LEU A 286 -5.63 -5.72 8.66
C LEU A 286 -6.79 -5.50 7.71
N LEU A 287 -7.12 -4.23 7.43
CA LEU A 287 -8.23 -3.88 6.54
C LEU A 287 -7.88 -2.73 5.59
N VAL A 288 -8.51 -2.79 4.42
CA VAL A 288 -8.42 -1.75 3.39
C VAL A 288 -9.45 -0.69 3.77
N PRO A 289 -9.36 0.54 3.26
CA PRO A 289 -10.21 1.62 3.81
C PRO A 289 -11.70 1.34 3.71
N THR A 290 -12.19 0.98 2.54
CA THR A 290 -13.63 0.80 2.39
C THR A 290 -14.16 -0.48 3.02
N LEU A 291 -13.29 -1.29 3.63
CA LEU A 291 -13.74 -2.33 4.54
C LEU A 291 -13.91 -1.80 5.95
N PHE A 292 -13.35 -0.63 6.24
CA PHE A 292 -13.67 0.01 7.50
C PHE A 292 -15.10 0.52 7.48
N SER A 293 -15.44 1.32 6.47
CA SER A 293 -16.80 1.85 6.39
C SER A 293 -17.82 0.72 6.30
N PHE A 294 -17.48 -0.40 5.65
CA PHE A 294 -18.37 -1.55 5.72
C PHE A 294 -18.61 -1.97 7.16
N PHE A 295 -17.53 -2.16 7.94
CA PHE A 295 -17.68 -2.66 9.30
C PHE A 295 -18.37 -1.67 10.22
N ALA A 296 -18.39 -0.39 9.85
CA ALA A 296 -19.23 0.59 10.55
C ALA A 296 -20.72 0.24 10.42
N LYS A 297 -21.13 -0.41 9.33
CA LYS A 297 -22.51 -0.82 9.15
C LYS A 297 -22.80 -2.24 9.68
N SER A 298 -21.80 -2.95 10.18
CA SER A 298 -22.01 -4.34 10.60
C SER A 298 -22.73 -4.39 11.94
N THR A 299 -23.74 -5.26 12.05
CA THR A 299 -24.45 -5.45 13.30
C THR A 299 -24.24 -6.84 13.90
N LEU A 300 -23.39 -7.68 13.29
CA LEU A 300 -23.13 -9.04 13.74
C LEU A 300 -21.93 -9.13 14.65
N ILE A 301 -21.09 -8.10 14.72
CA ILE A 301 -19.86 -8.19 15.51
C ILE A 301 -20.16 -8.64 16.93
N ASP A 302 -21.29 -8.20 17.48
CA ASP A 302 -21.59 -8.44 18.89
C ASP A 302 -21.83 -9.92 19.19
N LYS A 303 -22.07 -10.74 18.16
CA LYS A 303 -22.34 -12.16 18.34
C LYS A 303 -21.10 -13.03 18.34
N TYR A 304 -19.90 -12.44 18.31
CA TYR A 304 -18.67 -13.22 18.24
C TYR A 304 -17.75 -12.88 19.39
N ASP A 305 -16.96 -13.86 19.77
CA ASP A 305 -16.06 -13.74 20.90
C ASP A 305 -14.73 -13.28 20.33
N LEU A 306 -14.59 -11.97 20.27
CA LEU A 306 -13.34 -11.31 19.91
C LEU A 306 -12.58 -10.91 21.16
N SER A 307 -12.78 -11.68 22.25
CA SER A 307 -12.12 -11.41 23.53
C SER A 307 -10.64 -11.17 23.35
N ASN A 308 -10.08 -11.65 22.26
CA ASN A 308 -8.66 -11.75 22.02
C ASN A 308 -8.13 -10.61 21.15
N LEU A 309 -9.01 -9.75 20.64
CA LEU A 309 -8.65 -8.80 19.59
C LEU A 309 -8.11 -7.51 20.21
N HIS A 310 -6.88 -7.16 19.86
CA HIS A 310 -6.20 -6.02 20.46
C HIS A 310 -6.19 -4.80 19.54
N GLU A 311 -6.05 -5.02 18.23
CA GLU A 311 -5.75 -3.96 17.28
C GLU A 311 -6.46 -4.20 15.95
N ILE A 312 -6.96 -3.12 15.34
CA ILE A 312 -7.39 -3.12 13.94
C ILE A 312 -6.60 -2.02 13.23
N ALA A 313 -5.95 -2.38 12.12
CA ALA A 313 -5.00 -1.48 11.49
C ALA A 313 -5.47 -1.13 10.09
N SER A 314 -5.27 0.14 9.72
CA SER A 314 -5.58 0.60 8.38
C SER A 314 -4.35 0.85 7.53
N GLY A 315 -3.18 0.99 8.15
CA GLY A 315 -1.94 0.89 7.39
C GLY A 315 -1.33 2.26 7.05
N GLY A 316 -1.36 2.59 5.75
CA GLY A 316 -0.87 3.87 5.28
C GLY A 316 -2.02 4.62 4.68
N ALA A 317 -3.21 4.05 4.87
CA ALA A 317 -4.46 4.68 4.50
C ALA A 317 -4.91 5.56 5.65
N PRO A 318 -4.97 6.88 5.49
CA PRO A 318 -5.52 7.71 6.56
C PRO A 318 -7.04 7.56 6.57
N LEU A 319 -7.62 7.64 7.77
CA LEU A 319 -9.02 7.34 7.99
C LEU A 319 -9.79 8.59 8.38
N SER A 320 -10.99 8.72 7.79
CA SER A 320 -12.05 9.55 8.32
C SER A 320 -12.17 9.35 9.83
N LYS A 321 -12.17 10.46 10.58
CA LYS A 321 -12.24 10.35 12.04
C LYS A 321 -13.58 9.80 12.50
N GLU A 322 -14.63 10.05 11.73
CA GLU A 322 -15.95 9.52 12.07
C GLU A 322 -16.02 8.02 11.83
N VAL A 323 -15.48 7.55 10.69
CA VAL A 323 -15.46 6.11 10.41
C VAL A 323 -14.57 5.36 11.40
N GLY A 324 -13.42 5.94 11.75
CA GLY A 324 -12.54 5.25 12.69
C GLY A 324 -13.20 5.01 14.04
N GLU A 325 -13.82 6.06 14.61
CA GLU A 325 -14.46 5.89 15.91
C GLU A 325 -15.62 4.92 15.83
N ALA A 326 -16.31 4.87 14.68
CA ALA A 326 -17.42 3.93 14.51
C ALA A 326 -16.93 2.48 14.56
N VAL A 327 -15.93 2.16 13.74
CA VAL A 327 -15.31 0.84 13.74
C VAL A 327 -14.81 0.47 15.13
N ALA A 328 -14.10 1.38 15.78
CA ALA A 328 -13.54 1.03 17.07
C ALA A 328 -14.64 0.82 18.11
N LYS A 329 -15.80 1.48 17.93
CA LYS A 329 -16.87 1.32 18.90
C LYS A 329 -17.56 -0.03 18.74
N ARG A 330 -17.82 -0.45 17.49
CA ARG A 330 -18.44 -1.75 17.24
C ARG A 330 -17.55 -2.91 17.69
N PHE A 331 -16.25 -2.72 17.80
CA PHE A 331 -15.35 -3.77 18.26
C PHE A 331 -14.90 -3.60 19.70
N HIS A 332 -15.33 -2.53 20.38
CA HIS A 332 -14.92 -2.23 21.76
C HIS A 332 -13.40 -2.15 21.88
N LEU A 333 -12.79 -1.33 21.02
CA LEU A 333 -11.35 -1.04 21.08
C LEU A 333 -11.16 0.44 21.40
N PRO A 334 -10.17 0.79 22.23
CA PRO A 334 -9.87 2.22 22.43
C PRO A 334 -9.82 2.98 21.11
N GLY A 335 -9.10 2.46 20.11
CA GLY A 335 -9.01 3.16 18.85
C GLY A 335 -8.74 2.25 17.68
N ILE A 336 -8.54 2.87 16.55
CA ILE A 336 -7.98 2.24 15.37
C ILE A 336 -6.50 2.56 15.40
N ARG A 337 -5.71 1.69 14.79
CA ARG A 337 -4.34 2.07 14.45
C ARG A 337 -4.32 2.44 12.98
N GLN A 338 -4.34 3.74 12.70
CA GLN A 338 -4.16 4.22 11.33
C GLN A 338 -2.75 4.76 11.16
N GLY A 339 -2.30 4.79 9.91
CA GLY A 339 -1.06 5.48 9.62
C GLY A 339 -1.10 6.10 8.25
N TYR A 340 -0.08 6.90 7.96
CA TYR A 340 0.04 7.50 6.65
C TYR A 340 1.30 6.98 5.96
N GLY A 341 1.14 6.43 4.77
CA GLY A 341 2.28 5.95 4.03
C GLY A 341 2.03 6.00 2.54
N LEU A 342 3.11 6.12 1.79
CA LEU A 342 3.09 6.08 0.34
C LEU A 342 3.76 4.82 -0.15
N THR A 343 3.27 4.27 -1.27
CA THR A 343 3.96 3.16 -1.89
C THR A 343 5.43 3.50 -2.06
N GLU A 344 5.70 4.74 -2.47
CA GLU A 344 7.06 5.25 -2.61
C GLU A 344 7.77 5.38 -1.27
N THR A 345 7.15 4.96 -0.17
CA THR A 345 7.92 4.90 1.08
C THR A 345 7.80 3.53 1.74
N THR A 346 7.54 2.48 0.94
CA THR A 346 7.33 1.12 1.44
C THR A 346 6.18 1.05 2.43
N SER A 347 6.48 1.20 3.69
CA SER A 347 5.49 1.09 4.73
C SER A 347 5.02 2.48 5.14
N ALA A 348 4.31 2.56 6.24
CA ALA A 348 3.90 3.83 6.79
C ALA A 348 5.05 4.45 7.57
N ILE A 349 5.15 5.78 7.47
CA ILE A 349 6.12 6.56 8.24
C ILE A 349 5.46 7.41 9.31
N LEU A 350 4.14 7.56 9.25
CA LEU A 350 3.36 8.02 10.39
C LEU A 350 2.44 6.87 10.78
N ILE A 351 2.46 6.54 12.06
CA ILE A 351 1.76 5.40 12.63
C ILE A 351 1.24 5.87 13.98
N THR A 352 0.03 5.49 14.35
CA THR A 352 -0.39 5.83 15.69
C THR A 352 0.31 4.88 16.65
N PRO A 353 1.02 5.39 17.66
CA PRO A 353 1.75 4.51 18.58
C PRO A 353 0.83 3.87 19.61
N GLU A 354 1.34 2.85 20.27
CA GLU A 354 0.53 2.09 21.23
C GLU A 354 0.09 2.98 22.38
N GLY A 355 -1.19 2.90 22.72
CA GLY A 355 -1.74 3.62 23.84
C GLY A 355 -1.98 5.09 23.56
N ASP A 356 -0.89 5.81 23.33
CA ASP A 356 -0.97 7.19 22.86
C ASP A 356 -1.79 7.26 21.58
N ASP A 357 -3.11 7.15 21.69
CA ASP A 357 -3.97 7.58 20.61
C ASP A 357 -4.48 8.99 20.92
N LYS A 358 -4.74 9.76 19.85
CA LYS A 358 -5.15 11.15 19.97
C LYS A 358 -6.19 11.35 18.88
N PRO A 359 -7.39 11.84 19.26
CA PRO A 359 -8.54 11.85 18.34
C PRO A 359 -8.25 12.61 17.06
N GLY A 360 -8.31 11.88 15.93
CA GLY A 360 -8.19 12.44 14.61
C GLY A 360 -6.81 12.38 14.00
N ALA A 361 -5.78 12.08 14.79
CA ALA A 361 -4.42 11.98 14.27
C ALA A 361 -4.17 10.66 13.55
N VAL A 362 -3.28 10.71 12.55
CA VAL A 362 -2.73 9.49 11.96
C VAL A 362 -1.65 8.91 12.85
N GLY A 363 -0.79 9.77 13.41
CA GLY A 363 0.14 9.31 14.42
C GLY A 363 1.34 10.24 14.55
N LYS A 364 2.48 9.64 14.87
CA LYS A 364 3.77 10.32 14.99
C LYS A 364 4.77 9.62 14.08
N VAL A 365 5.93 10.25 13.94
CA VAL A 365 6.93 9.82 12.99
C VAL A 365 7.57 8.52 13.44
N VAL A 366 7.75 7.60 12.51
CA VAL A 366 8.35 6.29 12.80
C VAL A 366 9.82 6.51 13.12
N PRO A 367 10.44 5.62 13.90
CA PRO A 367 11.89 5.69 14.07
C PRO A 367 12.62 5.53 12.75
N PHE A 368 13.81 6.15 12.68
CA PHE A 368 14.66 6.36 11.52
C PHE A 368 14.19 7.47 10.61
N PHE A 369 13.09 8.18 10.92
CA PHE A 369 12.54 9.11 9.96
C PHE A 369 12.41 10.52 10.53
N GLU A 370 12.34 11.45 9.59
CA GLU A 370 12.00 12.84 9.84
C GLU A 370 10.85 13.22 8.92
N ALA A 371 9.90 13.97 9.47
CA ALA A 371 8.78 14.50 8.74
C ALA A 371 8.67 15.99 9.05
N LYS A 372 8.25 16.78 8.07
CA LYS A 372 8.09 18.21 8.30
C LYS A 372 7.04 18.78 7.35
N VAL A 373 6.54 19.96 7.70
CA VAL A 373 5.61 20.70 6.85
C VAL A 373 6.34 21.90 6.27
N VAL A 374 5.98 22.25 5.05
CA VAL A 374 6.66 23.27 4.25
C VAL A 374 5.60 24.16 3.64
N ASP A 375 5.86 25.46 3.58
CA ASP A 375 4.87 26.39 3.02
C ASP A 375 4.85 26.23 1.50
N LEU A 376 3.64 26.11 0.96
CA LEU A 376 3.44 25.69 -0.42
C LEU A 376 4.00 26.67 -1.45
N ASP A 377 4.41 27.86 -1.04
CA ASP A 377 4.91 28.88 -1.96
C ASP A 377 6.36 29.22 -1.70
N THR A 378 6.71 29.62 -0.47
CA THR A 378 8.09 29.95 -0.16
C THR A 378 8.96 28.70 -0.01
N GLY A 379 8.38 27.53 0.22
CA GLY A 379 9.15 26.34 0.50
C GLY A 379 9.79 26.27 1.87
N LYS A 380 9.69 27.33 2.68
CA LYS A 380 10.27 27.32 4.01
C LYS A 380 9.46 26.44 4.95
N THR A 381 10.16 25.75 5.84
CA THR A 381 9.52 24.76 6.71
C THR A 381 8.78 25.50 7.83
N LEU A 382 7.54 25.07 8.08
CA LEU A 382 6.63 25.75 9.00
C LEU A 382 6.72 25.17 10.41
N GLY A 383 6.00 25.81 11.32
CA GLY A 383 6.08 25.46 12.71
C GLY A 383 4.86 24.72 13.22
N VAL A 384 4.63 24.84 14.52
CA VAL A 384 3.56 24.09 15.19
C VAL A 384 2.20 24.58 14.73
N ASN A 385 1.31 23.63 14.42
CA ASN A 385 -0.10 23.82 14.10
C ASN A 385 -0.36 24.54 12.79
N GLN A 386 0.64 24.69 11.93
CA GLN A 386 0.44 25.34 10.63
C GLN A 386 0.31 24.29 9.55
N ARG A 387 -0.61 24.52 8.61
CA ARG A 387 -0.82 23.60 7.51
C ARG A 387 0.19 23.87 6.39
N GLY A 388 0.94 22.84 5.99
CA GLY A 388 1.80 22.92 4.83
C GLY A 388 1.85 21.61 4.05
N GLU A 389 2.79 21.48 3.10
CA GLU A 389 3.00 20.20 2.44
C GLU A 389 3.89 19.31 3.30
N LEU A 390 3.49 18.03 3.41
CA LEU A 390 4.19 17.07 4.28
C LEU A 390 5.39 16.47 3.56
N CYS A 391 6.55 16.54 4.18
CA CYS A 391 7.79 16.09 3.58
C CYS A 391 8.48 15.14 4.54
N VAL A 392 9.06 14.06 4.00
CA VAL A 392 9.61 12.98 4.81
C VAL A 392 10.97 12.53 4.26
N ARG A 393 11.88 12.22 5.16
CA ARG A 393 13.24 11.80 4.84
C ARG A 393 13.59 10.63 5.74
N GLY A 394 14.01 9.52 5.14
CA GLY A 394 14.34 8.33 5.91
C GLY A 394 14.61 7.10 5.08
N PRO A 395 15.22 6.10 5.73
CA PRO A 395 15.78 4.94 5.00
C PRO A 395 14.80 4.21 4.09
N MET A 396 13.49 4.25 4.38
CA MET A 396 12.50 3.47 3.65
C MET A 396 11.98 4.16 2.41
N ILE A 397 12.48 5.35 2.09
CA ILE A 397 12.08 6.00 0.86
C ILE A 397 12.59 5.19 -0.32
N MET A 398 11.68 4.90 -1.24
CA MET A 398 11.94 4.49 -2.61
C MET A 398 13.30 4.92 -3.11
N SER A 399 13.97 4.05 -3.87
CA SER A 399 15.18 4.49 -4.55
C SER A 399 14.83 5.30 -5.78
N GLY A 400 13.79 4.90 -6.52
CA GLY A 400 13.31 5.69 -7.63
C GLY A 400 12.21 4.97 -8.37
N TYR A 401 11.63 5.67 -9.35
CA TYR A 401 10.73 5.05 -10.31
C TYR A 401 11.57 4.42 -11.41
N VAL A 402 11.32 3.13 -11.69
CA VAL A 402 12.09 2.45 -12.71
C VAL A 402 11.92 3.15 -14.05
N ASN A 403 13.02 3.31 -14.78
CA ASN A 403 13.03 3.93 -16.11
C ASN A 403 12.40 5.31 -16.09
N ASN A 404 12.52 6.03 -14.97
CA ASN A 404 11.89 7.35 -14.92
C ASN A 404 12.57 8.28 -13.90
N PRO A 405 13.81 8.70 -14.12
CA PRO A 405 14.45 9.63 -13.18
C PRO A 405 13.87 11.03 -13.27
N GLU A 406 13.09 11.31 -14.31
CA GLU A 406 12.41 12.58 -14.39
C GLU A 406 11.28 12.67 -13.36
N ALA A 407 10.62 11.55 -13.06
CA ALA A 407 9.64 11.56 -11.99
C ALA A 407 10.26 11.33 -10.62
N THR A 408 11.28 10.46 -10.54
CA THR A 408 11.96 10.26 -9.27
C THR A 408 12.42 11.61 -8.71
N ASN A 409 13.20 12.34 -9.49
CA ASN A 409 13.50 13.74 -9.20
C ASN A 409 12.21 14.55 -9.20
N ALA A 410 12.23 15.65 -8.45
CA ALA A 410 11.09 16.57 -8.32
C ALA A 410 9.97 15.97 -7.48
N LEU A 411 10.01 14.65 -7.27
CA LEU A 411 9.30 14.08 -6.13
C LEU A 411 10.20 14.07 -4.91
N ILE A 412 11.49 13.76 -5.12
CA ILE A 412 12.49 13.78 -4.05
C ILE A 412 13.47 14.89 -4.36
N ASP A 413 13.51 15.91 -3.49
CA ASP A 413 14.57 16.91 -3.60
C ASP A 413 15.89 16.28 -3.16
N LYS A 414 16.98 16.76 -3.74
CA LYS A 414 18.26 16.10 -3.48
C LYS A 414 18.89 16.55 -2.17
N ASP A 415 18.07 16.93 -1.19
CA ASP A 415 18.41 16.75 0.21
C ASP A 415 17.75 15.51 0.81
N GLY A 416 17.21 14.65 -0.05
CA GLY A 416 16.63 13.39 0.36
C GLY A 416 15.22 13.46 0.88
N TRP A 417 14.52 14.58 0.69
CA TRP A 417 13.13 14.71 1.10
C TRP A 417 12.19 14.29 -0.01
N LEU A 418 11.23 13.43 0.32
CA LEU A 418 10.09 13.20 -0.56
C LEU A 418 9.01 14.21 -0.21
N HIS A 419 8.46 14.86 -1.25
CA HIS A 419 7.38 15.82 -1.10
C HIS A 419 6.06 15.13 -1.37
N SER A 420 5.21 15.04 -0.35
CA SER A 420 4.07 14.15 -0.42
C SER A 420 3.02 14.63 -1.42
N GLY A 421 2.88 15.94 -1.60
CA GLY A 421 1.72 16.47 -2.27
C GLY A 421 0.49 16.57 -1.41
N ASP A 422 0.50 15.93 -0.24
CA ASP A 422 -0.59 15.97 0.71
C ASP A 422 -0.26 16.96 1.83
N ILE A 423 -1.32 17.50 2.43
CA ILE A 423 -1.20 18.64 3.35
C ILE A 423 -1.45 18.12 4.75
N ALA A 424 -0.75 18.70 5.74
CA ALA A 424 -0.79 18.17 7.09
C ALA A 424 -0.36 19.25 8.06
N TYR A 425 -0.61 18.99 9.35
CA TYR A 425 -0.03 19.79 10.43
C TYR A 425 0.23 18.87 11.60
N TRP A 426 0.99 19.36 12.60
CA TRP A 426 1.33 18.57 13.76
C TRP A 426 1.14 19.36 15.05
N ASP A 427 0.99 18.61 16.14
CA ASP A 427 0.56 19.07 17.45
C ASP A 427 1.74 19.52 18.30
N GLU A 428 1.40 20.19 19.41
CA GLU A 428 2.38 20.43 20.46
C GLU A 428 2.89 19.13 21.09
N ASP A 429 2.17 18.02 20.91
CA ASP A 429 2.61 16.69 21.35
C ASP A 429 3.14 15.83 20.21
N GLU A 430 3.22 16.39 18.99
CA GLU A 430 3.91 15.84 17.82
C GLU A 430 3.05 14.88 17.01
N HIS A 431 1.75 14.81 17.31
CA HIS A 431 0.84 14.06 16.46
C HIS A 431 0.68 14.80 15.13
N PHE A 432 0.51 14.02 14.06
CA PHE A 432 0.27 14.57 12.73
C PHE A 432 -1.19 14.41 12.34
N PHE A 433 -1.66 15.29 11.45
CA PHE A 433 -3.03 15.30 10.96
C PHE A 433 -3.05 15.54 9.47
N ILE A 434 -3.86 14.77 8.75
CA ILE A 434 -3.94 14.86 7.29
C ILE A 434 -5.23 15.56 6.89
N VAL A 435 -5.12 16.50 5.95
CA VAL A 435 -6.24 17.29 5.44
C VAL A 435 -6.68 16.69 4.12
N ASP A 436 -7.99 16.43 3.98
CA ASP A 436 -8.55 15.78 2.80
C ASP A 436 -9.41 16.75 1.99
N ARG A 437 -9.33 16.60 0.67
CA ARG A 437 -10.30 17.11 -0.32
C ARG A 437 -11.72 17.16 0.28
N LEU A 438 -12.09 16.14 1.06
CA LEU A 438 -13.48 15.82 1.32
C LEU A 438 -14.16 16.74 2.32
N LYS A 439 -13.40 17.50 3.13
CA LYS A 439 -14.01 18.48 4.02
C LYS A 439 -13.34 19.86 3.89
N SER A 440 -12.85 20.19 2.69
CA SER A 440 -12.52 21.57 2.35
C SER A 440 -13.75 22.18 1.71
N LEU A 441 -14.24 23.28 2.28
CA LEU A 441 -15.57 23.79 1.93
C LEU A 441 -15.49 25.05 1.10
N ILE A 442 -16.49 25.22 0.25
CA ILE A 442 -16.60 26.34 -0.70
C ILE A 442 -17.62 27.33 -0.16
N LYS A 443 -17.14 28.52 0.23
CA LYS A 443 -17.97 29.55 0.88
C LYS A 443 -18.50 30.54 -0.15
N TYR A 444 -19.69 30.25 -0.66
CA TYR A 444 -20.44 31.19 -1.48
C TYR A 444 -21.68 31.61 -0.70
N LYS A 445 -21.92 32.92 -0.65
CA LYS A 445 -22.83 33.53 0.33
C LYS A 445 -22.17 33.52 1.71
N GLY A 446 -21.66 32.37 2.13
CA GLY A 446 -21.19 32.23 3.50
C GLY A 446 -21.64 30.92 4.12
N TYR A 447 -22.48 30.16 3.40
CA TYR A 447 -22.55 28.73 3.69
C TYR A 447 -22.02 27.93 2.50
N GLN A 448 -21.58 26.73 2.81
CA GLN A 448 -20.52 26.01 2.15
C GLN A 448 -21.04 24.64 1.74
N VAL A 449 -20.71 24.19 0.55
CA VAL A 449 -21.06 22.82 0.18
C VAL A 449 -19.77 22.02 0.03
N ALA A 450 -19.82 20.78 0.51
CA ALA A 450 -18.74 19.84 0.27
C ALA A 450 -18.57 19.62 -1.23
N PRO A 451 -17.34 19.64 -1.73
CA PRO A 451 -17.14 19.35 -3.16
C PRO A 451 -17.52 17.92 -3.53
N ALA A 452 -17.43 16.99 -2.59
CA ALA A 452 -17.88 15.62 -2.85
C ALA A 452 -19.37 15.55 -3.20
N GLU A 453 -20.19 16.39 -2.54
CA GLU A 453 -21.62 16.41 -2.85
C GLU A 453 -21.85 16.82 -4.31
N LEU A 454 -21.16 17.87 -4.76
CA LEU A 454 -21.27 18.31 -6.15
C LEU A 454 -20.63 17.32 -7.12
N GLU A 455 -19.54 16.67 -6.73
CA GLU A 455 -18.96 15.65 -7.59
C GLU A 455 -19.91 14.50 -7.82
N SER A 456 -20.55 14.04 -6.74
CA SER A 456 -21.53 12.95 -6.86
C SER A 456 -22.58 13.28 -7.89
N ILE A 457 -23.01 14.54 -7.94
CA ILE A 457 -23.98 14.95 -8.94
C ILE A 457 -23.38 14.85 -10.34
N LEU A 458 -22.16 15.37 -10.52
CA LEU A 458 -21.55 15.42 -11.84
C LEU A 458 -21.27 14.02 -12.37
N LEU A 459 -20.75 13.13 -11.52
CA LEU A 459 -20.50 11.75 -11.93
C LEU A 459 -21.78 11.02 -12.27
N GLN A 460 -22.92 11.45 -11.72
CA GLN A 460 -24.22 10.87 -12.01
C GLN A 460 -24.63 11.04 -13.48
N HIS A 461 -24.09 12.06 -14.17
CA HIS A 461 -24.46 12.34 -15.56
C HIS A 461 -23.81 11.35 -16.52
N PRO A 462 -24.54 10.79 -17.49
CA PRO A 462 -24.01 9.67 -18.27
C PRO A 462 -22.80 10.05 -19.11
N ASN A 463 -22.70 11.31 -19.49
CA ASN A 463 -21.63 11.80 -20.36
C ASN A 463 -20.46 12.37 -19.60
N ILE A 464 -20.54 12.50 -18.28
CA ILE A 464 -19.42 12.94 -17.46
C ILE A 464 -18.72 11.71 -16.89
N PHE A 465 -17.49 11.47 -17.36
CA PHE A 465 -16.74 10.30 -16.94
C PHE A 465 -16.09 10.50 -15.58
N ASP A 466 -15.46 11.67 -15.35
CA ASP A 466 -14.91 12.02 -14.04
C ASP A 466 -14.99 13.54 -13.84
N ALA A 467 -15.13 13.95 -12.58
CA ALA A 467 -15.19 15.37 -12.22
C ALA A 467 -14.27 15.64 -11.04
N GLY A 468 -14.14 16.93 -10.73
CA GLY A 468 -13.33 17.40 -9.64
C GLY A 468 -13.73 18.81 -9.28
N VAL A 469 -14.35 18.99 -8.11
CA VAL A 469 -14.93 20.26 -7.74
C VAL A 469 -13.97 20.97 -6.79
N ALA A 470 -13.75 22.26 -7.05
CA ALA A 470 -12.97 23.13 -6.18
C ALA A 470 -13.55 24.53 -6.28
N GLY A 471 -13.05 25.42 -5.42
CA GLY A 471 -13.60 26.76 -5.30
C GLY A 471 -12.86 27.82 -6.10
N LEU A 472 -13.42 28.20 -7.25
CA LEU A 472 -12.91 29.33 -8.01
C LEU A 472 -12.91 30.59 -7.16
N PRO A 473 -11.75 31.11 -6.77
CA PRO A 473 -11.71 32.31 -5.92
C PRO A 473 -12.07 33.55 -6.74
N ASP A 474 -13.18 34.20 -6.38
CA ASP A 474 -13.56 35.47 -6.98
C ASP A 474 -13.82 36.51 -5.91
N ASP A 475 -13.51 37.76 -6.25
CA ASP A 475 -13.31 38.78 -5.23
C ASP A 475 -14.64 39.21 -4.60
N ASP A 476 -15.70 39.27 -5.42
CA ASP A 476 -17.01 39.72 -4.97
C ASP A 476 -17.75 38.63 -4.18
N ALA A 477 -17.68 37.37 -4.62
CA ALA A 477 -18.55 36.33 -4.09
C ALA A 477 -17.95 35.56 -2.91
N GLY A 478 -16.65 35.67 -2.69
CA GLY A 478 -15.97 34.79 -1.76
C GLY A 478 -15.38 33.64 -2.53
N GLU A 479 -16.20 32.62 -2.79
CA GLU A 479 -15.81 31.47 -3.60
C GLU A 479 -16.99 31.02 -4.46
N LEU A 480 -16.81 31.05 -5.79
CA LEU A 480 -17.79 30.38 -6.67
C LEU A 480 -17.39 28.92 -6.88
N PRO A 481 -18.29 27.96 -6.68
CA PRO A 481 -17.90 26.55 -6.86
C PRO A 481 -17.81 26.15 -8.33
N ALA A 482 -16.65 25.60 -8.70
CA ALA A 482 -16.36 25.21 -10.08
C ALA A 482 -15.86 23.78 -10.11
N ALA A 483 -15.75 23.24 -11.33
CA ALA A 483 -15.38 21.85 -11.52
C ALA A 483 -14.47 21.69 -12.72
N VAL A 484 -13.52 20.78 -12.63
CA VAL A 484 -12.90 20.20 -13.80
C VAL A 484 -13.67 18.94 -14.17
N VAL A 485 -13.94 18.76 -15.46
CA VAL A 485 -14.78 17.66 -15.93
C VAL A 485 -14.01 16.88 -16.99
N VAL A 486 -14.16 15.55 -16.99
CA VAL A 486 -13.67 14.65 -18.04
C VAL A 486 -14.88 14.02 -18.71
N LEU A 487 -15.01 14.21 -20.03
CA LEU A 487 -16.14 13.62 -20.73
C LEU A 487 -15.92 12.14 -21.05
N GLU A 488 -17.01 11.38 -21.09
CA GLU A 488 -16.95 10.01 -21.57
C GLU A 488 -16.49 10.01 -23.02
N HIS A 489 -16.00 8.87 -23.48
CA HIS A 489 -15.25 8.85 -24.73
C HIS A 489 -16.11 9.32 -25.90
N GLY A 490 -17.29 8.74 -26.06
CA GLY A 490 -18.09 9.13 -27.21
C GLY A 490 -18.53 10.57 -27.19
N LYS A 491 -18.81 11.09 -26.00
CA LYS A 491 -19.82 12.12 -25.77
C LYS A 491 -19.23 13.53 -25.86
N THR A 492 -20.13 14.50 -26.07
CA THR A 492 -19.77 15.90 -26.17
C THR A 492 -20.75 16.76 -25.38
N MET A 493 -20.23 17.83 -24.79
CA MET A 493 -21.05 18.62 -23.87
C MET A 493 -20.49 20.03 -23.82
N THR A 494 -21.25 20.92 -23.19
CA THR A 494 -20.92 22.34 -23.12
C THR A 494 -20.94 22.77 -21.66
N GLU A 495 -20.11 23.76 -21.34
CA GLU A 495 -20.00 24.23 -19.96
C GLU A 495 -21.36 24.59 -19.39
N LYS A 496 -22.17 25.30 -20.17
CA LYS A 496 -23.44 25.75 -19.64
C LYS A 496 -24.42 24.61 -19.56
N GLU A 497 -24.40 23.73 -20.55
CA GLU A 497 -25.21 22.52 -20.48
C GLU A 497 -24.92 21.74 -19.21
N ILE A 498 -23.68 21.83 -18.71
CA ILE A 498 -23.29 21.15 -17.47
C ILE A 498 -23.81 21.88 -16.23
N VAL A 499 -23.72 23.22 -16.22
CA VAL A 499 -24.13 23.96 -15.02
C VAL A 499 -25.64 24.10 -14.94
N ASP A 500 -26.32 24.23 -16.09
CA ASP A 500 -27.76 24.06 -16.16
C ASP A 500 -28.19 22.79 -15.46
N TYR A 501 -27.45 21.70 -15.67
CA TYR A 501 -27.80 20.41 -15.09
C TYR A 501 -27.62 20.44 -13.58
N VAL A 502 -26.48 20.95 -13.09
CA VAL A 502 -26.28 21.03 -11.64
C VAL A 502 -27.32 21.96 -11.04
N ALA A 503 -27.41 23.18 -11.55
CA ALA A 503 -28.47 24.12 -11.18
C ALA A 503 -29.83 23.56 -11.57
N SER A 504 -30.23 22.45 -10.96
CA SER A 504 -31.50 21.78 -11.18
C SER A 504 -31.52 20.66 -10.17
N GLN A 505 -30.44 20.58 -9.41
CA GLN A 505 -30.31 19.53 -8.41
C GLN A 505 -29.67 20.05 -7.11
N VAL A 506 -29.45 21.37 -6.96
CA VAL A 506 -28.81 21.93 -5.78
C VAL A 506 -29.53 23.21 -5.35
N THR A 507 -29.30 23.58 -4.08
CA THR A 507 -30.07 24.61 -3.37
C THR A 507 -30.21 25.89 -4.17
N THR A 508 -29.09 26.57 -4.43
CA THR A 508 -28.93 27.74 -5.31
C THR A 508 -27.63 28.43 -4.92
N ALA A 509 -27.21 28.22 -3.67
CA ALA A 509 -25.86 28.59 -3.25
C ALA A 509 -24.86 27.54 -3.69
N LYS A 510 -25.26 26.28 -3.71
CA LYS A 510 -24.51 25.16 -4.21
C LYS A 510 -24.42 25.11 -5.76
N LYS A 511 -24.79 26.14 -6.52
CA LYS A 511 -24.80 26.05 -7.97
C LYS A 511 -23.40 26.28 -8.54
N LEU A 512 -23.16 25.69 -9.71
CA LEU A 512 -21.80 25.66 -10.27
C LEU A 512 -21.49 26.98 -10.96
N ARG A 513 -21.65 28.10 -10.24
CA ARG A 513 -21.41 29.42 -10.80
C ARG A 513 -19.97 29.58 -11.31
N GLY A 514 -19.04 28.78 -10.82
CA GLY A 514 -17.67 28.92 -11.27
C GLY A 514 -17.43 28.41 -12.67
N GLY A 515 -18.30 27.54 -13.17
CA GLY A 515 -18.13 26.96 -14.50
C GLY A 515 -17.33 25.66 -14.49
N VAL A 516 -17.09 25.17 -15.71
CA VAL A 516 -16.37 23.90 -15.90
C VAL A 516 -15.24 24.11 -16.89
N VAL A 517 -14.13 23.42 -16.63
CA VAL A 517 -12.96 23.40 -17.49
C VAL A 517 -12.71 21.94 -17.85
N PHE A 518 -12.78 21.62 -19.15
CA PHE A 518 -12.66 20.24 -19.60
C PHE A 518 -11.19 19.81 -19.60
N VAL A 519 -10.89 18.74 -18.88
CA VAL A 519 -9.54 18.22 -18.71
C VAL A 519 -9.50 16.77 -19.16
N ASP A 520 -8.33 16.29 -19.58
CA ASP A 520 -8.22 14.86 -19.91
C ASP A 520 -8.28 13.98 -18.68
N GLU A 521 -8.08 14.55 -17.49
CA GLU A 521 -7.95 13.81 -16.25
C GLU A 521 -8.00 14.79 -15.08
N VAL A 522 -8.68 14.40 -14.02
CA VAL A 522 -8.73 15.22 -12.81
C VAL A 522 -7.49 14.92 -11.98
N PRO A 523 -6.73 15.94 -11.57
CA PRO A 523 -5.46 15.69 -10.88
C PRO A 523 -5.67 14.88 -9.61
N LYS A 524 -4.97 13.76 -9.53
CA LYS A 524 -4.90 12.99 -8.30
C LYS A 524 -3.58 13.28 -7.58
N GLY A 525 -3.50 12.82 -6.35
CA GLY A 525 -2.36 13.14 -5.52
C GLY A 525 -1.74 11.95 -4.84
N LEU A 526 -0.99 11.17 -5.61
CA LEU A 526 -0.10 10.13 -5.10
C LEU A 526 -0.83 9.01 -4.38
N THR A 527 -1.59 9.33 -3.31
CA THR A 527 -2.49 8.36 -2.69
C THR A 527 -3.82 8.27 -3.40
N GLY A 528 -3.90 8.74 -4.65
CA GLY A 528 -5.13 8.74 -5.42
C GLY A 528 -6.16 9.81 -5.05
N LYS A 529 -6.02 10.46 -3.90
CA LYS A 529 -7.03 11.41 -3.45
C LYS A 529 -6.96 12.67 -4.31
N LEU A 530 -8.14 13.24 -4.61
CA LEU A 530 -8.20 14.38 -5.52
C LEU A 530 -7.36 15.52 -4.97
N ASP A 531 -6.60 16.15 -5.84
CA ASP A 531 -5.69 17.21 -5.45
C ASP A 531 -6.46 18.53 -5.48
N ALA A 532 -6.61 19.17 -4.31
CA ALA A 532 -7.49 20.32 -4.19
C ALA A 532 -6.93 21.53 -4.91
N ARG A 533 -5.62 21.76 -4.80
CA ARG A 533 -4.96 22.69 -5.71
C ARG A 533 -4.88 21.98 -7.07
N LYS A 534 -3.96 22.35 -7.95
CA LYS A 534 -4.05 21.98 -9.37
C LYS A 534 -5.46 22.19 -9.91
N ILE A 535 -6.48 21.57 -9.30
CA ILE A 535 -7.86 21.79 -9.73
C ILE A 535 -8.22 23.27 -9.60
N ARG A 536 -8.20 23.80 -8.36
CA ARG A 536 -8.27 25.25 -8.18
C ARG A 536 -7.28 25.95 -9.09
N GLU A 537 -6.04 25.47 -9.10
CA GLU A 537 -5.07 26.00 -10.03
C GLU A 537 -5.60 25.97 -11.46
N ILE A 538 -6.12 24.82 -11.92
CA ILE A 538 -6.50 24.69 -13.33
C ILE A 538 -7.54 25.73 -13.74
N LEU A 539 -8.52 26.00 -12.85
CA LEU A 539 -9.64 26.87 -13.22
C LEU A 539 -9.23 28.34 -13.23
N ILE A 540 -8.21 28.68 -12.46
CA ILE A 540 -7.86 30.09 -12.29
C ILE A 540 -7.41 30.73 -13.60
N LYS A 541 -6.74 29.97 -14.47
CA LYS A 541 -6.39 30.53 -15.77
C LYS A 541 -7.60 30.58 -16.67
N ALA A 542 -8.16 29.39 -16.95
CA ALA A 542 -9.24 29.24 -17.92
C ALA A 542 -10.29 30.34 -17.76
N LYS A 543 -10.40 30.91 -16.56
CA LYS A 543 -11.19 32.12 -16.36
C LYS A 543 -10.40 33.38 -16.79
#